data_5UY7
#
_entry.id   5UY7
#
_cell.length_a   68.800
_cell.length_b   74.310
_cell.length_c   137.170
_cell.angle_alpha   90.000
_cell.angle_beta   90.000
_cell.angle_gamma   90.000
#
_symmetry.space_group_name_H-M   'C 2 2 21'
#
loop_
_entity.id
_entity.type
_entity.pdbx_description
1 polymer 'Peptidoglycan glycosyltransferase'
2 non-polymer 'SULFATE ION'
3 water water
#
_entity_poly.entity_id   1
_entity_poly.type   'polypeptide(L)'
_entity_poly.pdbx_seq_one_letter_code
;MAHHHHHHAFWIQGPGNAFYQKQGESRYQRTLELPATRGKILDRNGLVLATSLPVRAIWAIPDAVPDDLGADKINQLGKL
LGMTPKELRVKLSEDKGFVYVKRQVPIDVADKVAALDIPGIYQRNEYKRFYPEGEITAHLIGFTNVEDEGQEGVELGDQK
LLSGTSGVRRVIKDRLGHIVEDVAEQVPPHNGTDVGLSIDSKIQYIAYANLKAAVEKFKAKAGAAMVVDVRTGEVLALVN
YPTYNPNDRTRLTGEQLRNRILTDVFEPGSIMKPFTVSLALDLHRVTPNTLVETGNGHFVLDGAPITDDAGFGTLTVGGV
IQKSSNIGATKIAMTMRPEEMWNMYTSIGLGQAPKVGFPGAAAGRLRPWKSWRRIEQATMSYGYGLSVSLFQLARAYTAI
AHDGEMMPVTIFKTDPNQQITGTQVFTPTTAREVRTMLETVVAPGGTSPDAAVPGYRVGGKSGTAYKHEGHGYTRKYRAS
FVGMAPMPNPRIVVAVSVDEPTAGSHFGGQVSGPVFSAIAGDTMRALNVPPNMPIKQLVVSDDAPGAPAKPGPQKLAAGS
GAKHMIVSSTTRNSPGVVR
;
_entity_poly.pdbx_strand_id   A
#
# COMPACT_ATOMS: atom_id res chain seq x y z
N GLY A 196 13.91 -24.39 4.40
CA GLY A 196 13.06 -24.22 3.24
C GLY A 196 12.28 -22.91 3.26
N LEU A 197 12.92 -21.86 3.74
CA LEU A 197 12.30 -20.55 3.69
C LEU A 197 12.30 -20.02 2.26
N SER A 198 11.31 -19.19 1.96
CA SER A 198 11.24 -18.53 0.66
C SER A 198 12.17 -17.33 0.59
N ILE A 199 12.69 -16.87 1.73
CA ILE A 199 13.59 -15.72 1.74
C ILE A 199 14.75 -15.96 0.80
N ASP A 200 14.98 -15.00 -0.09
CA ASP A 200 16.08 -15.04 -1.04
C ASP A 200 17.22 -14.22 -0.44
N SER A 201 18.39 -14.86 -0.24
CA SER A 201 19.48 -14.17 0.46
CA SER A 201 19.46 -14.16 0.48
C SER A 201 19.88 -12.89 -0.23
N LYS A 202 19.85 -12.88 -1.57
CA LYS A 202 20.23 -11.71 -2.33
C LYS A 202 19.21 -10.58 -2.17
N ILE A 203 17.91 -10.90 -2.23
CA ILE A 203 16.92 -9.85 -2.07
CA ILE A 203 16.89 -9.87 -2.08
C ILE A 203 16.84 -9.39 -0.63
N GLN A 204 17.03 -10.31 0.32
CA GLN A 204 17.12 -9.93 1.73
C GLN A 204 18.26 -8.93 1.95
N TYR A 205 19.42 -9.18 1.32
CA TYR A 205 20.52 -8.22 1.44
C TYR A 205 20.17 -6.88 0.82
N ILE A 206 19.51 -6.90 -0.34
CA ILE A 206 19.10 -5.65 -1.00
C ILE A 206 18.20 -4.85 -0.07
N ALA A 207 17.21 -5.53 0.52
CA ALA A 207 16.29 -4.85 1.43
C ALA A 207 17.02 -4.34 2.66
N TYR A 208 17.89 -5.17 3.24
CA TYR A 208 18.62 -4.77 4.43
C TYR A 208 19.52 -3.57 4.16
N ALA A 209 20.34 -3.65 3.10
CA ALA A 209 21.30 -2.60 2.82
C ALA A 209 20.60 -1.27 2.58
N ASN A 210 19.52 -1.27 1.81
CA ASN A 210 18.84 -0.02 1.51
C ASN A 210 18.12 0.51 2.73
N LEU A 211 17.53 -0.38 3.53
CA LEU A 211 16.80 0.07 4.70
C LEU A 211 17.75 0.61 5.76
N LYS A 212 18.88 -0.05 5.96
CA LYS A 212 19.89 0.42 6.91
C LYS A 212 20.37 1.81 6.51
N ALA A 213 20.66 2.00 5.23
CA ALA A 213 21.12 3.31 4.77
C ALA A 213 20.08 4.39 5.05
N ALA A 214 18.79 4.07 4.86
CA ALA A 214 17.74 5.06 5.09
C ALA A 214 17.56 5.36 6.57
N VAL A 215 17.56 4.32 7.41
CA VAL A 215 17.44 4.56 8.85
C VAL A 215 18.57 5.45 9.34
N GLU A 216 19.78 5.23 8.81
CA GLU A 216 20.91 6.06 9.20
C GLU A 216 20.80 7.47 8.62
N LYS A 217 20.40 7.59 7.36
CA LYS A 217 20.34 8.90 6.73
C LYS A 217 19.36 9.83 7.43
N PHE A 218 18.22 9.29 7.85
CA PHE A 218 17.16 10.08 8.46
C PHE A 218 17.19 10.00 9.97
N LYS A 219 18.23 9.39 10.54
CA LYS A 219 18.37 9.23 11.98
C LYS A 219 17.07 8.73 12.60
N ALA A 220 16.51 7.69 11.98
CA ALA A 220 15.20 7.21 12.36
C ALA A 220 15.30 6.23 13.53
N LYS A 221 14.17 6.06 14.21
CA LYS A 221 14.09 5.11 15.31
C LYS A 221 14.25 3.68 14.80
N ALA A 222 13.53 3.34 13.72
CA ALA A 222 13.52 1.98 13.23
C ALA A 222 13.02 2.00 11.80
N GLY A 223 13.22 0.88 11.12
CA GLY A 223 12.66 0.73 9.78
C GLY A 223 12.26 -0.71 9.54
N ALA A 224 11.45 -0.89 8.49
CA ALA A 224 10.99 -2.22 8.10
C ALA A 224 10.85 -2.26 6.59
N ALA A 225 11.13 -3.43 6.02
CA ALA A 225 10.93 -3.60 4.58
C ALA A 225 10.58 -5.04 4.29
N MET A 226 9.67 -5.27 3.35
CA MET A 226 9.46 -6.64 2.91
C MET A 226 9.15 -6.65 1.43
N VAL A 227 9.49 -7.77 0.80
CA VAL A 227 9.32 -7.97 -0.63
C VAL A 227 8.55 -9.27 -0.80
N VAL A 228 7.46 -9.23 -1.58
CA VAL A 228 6.61 -10.39 -1.79
C VAL A 228 6.60 -10.72 -3.28
N ASP A 229 6.75 -12.00 -3.60
CA ASP A 229 6.56 -12.48 -4.97
C ASP A 229 5.08 -12.51 -5.30
N VAL A 230 4.66 -11.74 -6.33
CA VAL A 230 3.25 -11.61 -6.67
C VAL A 230 2.66 -12.96 -7.10
N ARG A 231 3.43 -13.74 -7.86
CA ARG A 231 2.87 -14.96 -8.46
C ARG A 231 2.57 -16.03 -7.42
N THR A 232 3.35 -16.08 -6.34
CA THR A 232 3.26 -17.18 -5.38
C THR A 232 2.87 -16.74 -3.98
N GLY A 233 2.98 -15.46 -3.65
CA GLY A 233 2.84 -15.02 -2.28
C GLY A 233 4.07 -15.23 -1.40
N GLU A 234 5.15 -15.79 -1.95
CA GLU A 234 6.34 -16.04 -1.15
C GLU A 234 6.98 -14.74 -0.70
N VAL A 235 7.36 -14.68 0.57
CA VAL A 235 8.14 -13.55 1.08
C VAL A 235 9.58 -13.72 0.65
N LEU A 236 10.07 -12.80 -0.18
CA LEU A 236 11.44 -12.86 -0.66
C LEU A 236 12.41 -12.12 0.26
N ALA A 237 11.92 -11.14 1.00
CA ALA A 237 12.74 -10.41 1.97
C ALA A 237 11.84 -9.92 3.08
N LEU A 238 12.38 -9.93 4.30
CA LEU A 238 11.63 -9.47 5.47
C LEU A 238 12.67 -8.95 6.45
N VAL A 239 12.77 -7.62 6.59
CA VAL A 239 13.86 -7.01 7.33
C VAL A 239 13.31 -6.01 8.35
N ASN A 240 13.76 -6.13 9.60
CA ASN A 240 13.61 -5.09 10.60
C ASN A 240 14.99 -4.51 10.88
N TYR A 241 15.09 -3.18 10.89
CA TYR A 241 16.34 -2.51 11.26
C TYR A 241 16.07 -1.41 12.27
N PRO A 242 16.65 -1.48 13.48
CA PRO A 242 17.49 -2.60 13.94
C PRO A 242 16.67 -3.85 14.28
N THR A 243 17.36 -4.95 14.60
CA THR A 243 16.66 -6.19 14.91
C THR A 243 16.06 -6.19 16.31
N TYR A 244 16.57 -5.39 17.23
CA TYR A 244 16.08 -5.38 18.60
C TYR A 244 14.99 -4.30 18.78
N ARG A 258 10.67 -9.01 19.19
CA ARG A 258 9.43 -8.96 18.42
C ARG A 258 9.72 -8.61 16.97
N ASN A 259 8.95 -9.19 16.06
CA ASN A 259 9.07 -8.90 14.63
C ASN A 259 8.11 -7.74 14.33
N ARG A 260 8.63 -6.52 14.34
CA ARG A 260 7.78 -5.34 14.27
C ARG A 260 6.96 -5.27 12.98
N ILE A 261 7.47 -5.84 11.89
CA ILE A 261 6.69 -5.89 10.64
C ILE A 261 5.35 -6.55 10.88
N LEU A 262 5.31 -7.54 11.78
CA LEU A 262 4.09 -8.28 12.07
C LEU A 262 3.37 -7.79 13.31
N THR A 263 4.08 -7.18 14.26
CA THR A 263 3.47 -6.86 15.55
C THR A 263 3.06 -5.39 15.69
N ASP A 264 3.72 -4.48 15.00
CA ASP A 264 3.45 -3.06 15.19
C ASP A 264 2.34 -2.60 14.26
N VAL A 265 1.34 -1.92 14.83
CA VAL A 265 0.23 -1.43 14.03
C VAL A 265 0.20 0.09 14.05
N PHE A 266 -0.39 0.66 13.00
CA PHE A 266 -0.46 2.09 12.80
C PHE A 266 -1.60 2.39 11.83
N GLU A 267 -2.01 3.64 11.80
CA GLU A 267 -3.03 4.04 10.83
C GLU A 267 -2.40 4.13 9.44
N PRO A 268 -2.97 3.46 8.44
CA PRO A 268 -2.33 3.39 7.13
C PRO A 268 -2.38 4.69 6.34
N GLY A 269 -3.31 5.59 6.63
CA GLY A 269 -3.36 6.84 5.90
C GLY A 269 -3.59 6.65 4.41
N SER A 270 -2.91 7.47 3.61
CA SER A 270 -3.18 7.52 2.17
C SER A 270 -2.96 6.19 1.47
N ILE A 271 -2.26 5.25 2.09
CA ILE A 271 -2.07 3.93 1.50
C ILE A 271 -3.40 3.22 1.28
N MET A 272 -4.45 3.62 1.98
CA MET A 272 -5.75 2.99 1.77
C MET A 272 -6.53 3.57 0.60
N LYS A 273 -6.14 4.74 0.08
CA LYS A 273 -6.96 5.38 -0.95
C LYS A 273 -7.16 4.48 -2.17
N PRO A 274 -6.17 3.69 -2.62
CA PRO A 274 -6.44 2.80 -3.76
C PRO A 274 -7.49 1.75 -3.47
N PHE A 275 -7.69 1.34 -2.21
CA PHE A 275 -8.72 0.34 -1.93
C PHE A 275 -10.10 0.96 -1.91
N THR A 276 -10.22 2.19 -1.42
CA THR A 276 -11.48 2.92 -1.54
C THR A 276 -11.92 2.99 -2.99
N VAL A 277 -10.98 3.36 -3.87
CA VAL A 277 -11.27 3.49 -5.29
C VAL A 277 -11.52 2.11 -5.90
N SER A 278 -10.69 1.12 -5.56
CA SER A 278 -10.90 -0.23 -6.08
C SER A 278 -12.32 -0.72 -5.82
N LEU A 279 -12.79 -0.56 -4.58
CA LEU A 279 -14.12 -1.08 -4.26
C LEU A 279 -15.22 -0.34 -5.02
N ALA A 280 -15.13 0.99 -5.12
CA ALA A 280 -16.15 1.74 -5.86
C ALA A 280 -16.17 1.35 -7.33
N LEU A 281 -15.00 1.14 -7.93
CA LEU A 281 -14.96 0.61 -9.29
C LEU A 281 -15.59 -0.78 -9.36
N ASP A 282 -15.23 -1.66 -8.44
CA ASP A 282 -15.70 -3.04 -8.48
C ASP A 282 -17.21 -3.13 -8.29
N LEU A 283 -17.77 -2.24 -7.47
CA LEU A 283 -19.22 -2.19 -7.26
C LEU A 283 -19.94 -1.42 -8.35
N HIS A 284 -19.21 -0.92 -9.36
CA HIS A 284 -19.76 -0.16 -10.47
C HIS A 284 -20.36 1.18 -10.03
N ARG A 285 -19.94 1.70 -8.87
CA ARG A 285 -20.44 3.00 -8.42
C ARG A 285 -19.80 4.15 -9.19
N VAL A 286 -18.54 3.98 -9.59
CA VAL A 286 -17.82 4.96 -10.39
C VAL A 286 -17.05 4.20 -11.46
N THR A 287 -16.54 4.95 -12.43
CA THR A 287 -15.62 4.44 -13.43
C THR A 287 -14.34 5.27 -13.34
N PRO A 288 -13.25 4.88 -14.00
CA PRO A 288 -12.03 5.67 -13.87
C PRO A 288 -12.17 7.12 -14.31
N ASN A 289 -13.08 7.41 -15.25
CA ASN A 289 -13.21 8.79 -15.71
C ASN A 289 -14.42 9.50 -15.12
N THR A 290 -15.08 8.92 -14.13
CA THR A 290 -16.08 9.64 -13.37
C THR A 290 -15.47 10.90 -12.75
N LEU A 291 -16.19 12.02 -12.84
CA LEU A 291 -15.71 13.26 -12.26
C LEU A 291 -16.08 13.35 -10.77
N VAL A 292 -15.14 13.85 -9.97
CA VAL A 292 -15.30 14.04 -8.54
C VAL A 292 -14.90 15.47 -8.23
N GLU A 293 -15.83 16.24 -7.67
CA GLU A 293 -15.60 17.66 -7.40
C GLU A 293 -14.92 17.80 -6.04
N THR A 294 -13.68 18.30 -6.02
CA THR A 294 -13.02 18.58 -4.75
C THR A 294 -12.82 20.07 -4.49
N GLY A 295 -13.15 20.93 -5.46
CA GLY A 295 -13.16 22.37 -5.21
C GLY A 295 -11.82 22.90 -4.74
N ASN A 296 -11.86 23.79 -3.76
CA ASN A 296 -10.65 24.44 -3.25
C ASN A 296 -9.95 23.63 -2.17
N GLY A 297 -10.22 22.32 -2.07
CA GLY A 297 -9.52 21.51 -1.08
C GLY A 297 -10.03 21.64 0.34
N HIS A 298 -11.23 22.16 0.52
CA HIS A 298 -11.89 22.21 1.83
C HIS A 298 -13.26 21.59 1.67
N PHE A 299 -13.61 20.68 2.58
CA PHE A 299 -14.91 20.02 2.57
C PHE A 299 -15.38 19.88 4.01
N VAL A 300 -16.71 19.84 4.18
CA VAL A 300 -17.31 19.64 5.50
C VAL A 300 -18.30 18.48 5.39
N LEU A 301 -18.16 17.51 6.29
CA LEU A 301 -19.03 16.34 6.33
C LEU A 301 -19.53 16.19 7.75
N ASP A 302 -20.84 16.34 7.94
CA ASP A 302 -21.46 16.26 9.27
C ASP A 302 -20.73 17.15 10.26
N GLY A 303 -20.42 18.37 9.83
CA GLY A 303 -19.74 19.34 10.68
C GLY A 303 -18.25 19.18 10.80
N ALA A 304 -17.68 18.10 10.25
CA ALA A 304 -16.24 17.93 10.42
C ALA A 304 -15.49 18.31 9.16
N PRO A 305 -14.30 18.92 9.30
CA PRO A 305 -13.57 19.35 8.12
C PRO A 305 -12.74 18.22 7.52
N ILE A 306 -12.81 18.10 6.20
CA ILE A 306 -11.96 17.20 5.44
C ILE A 306 -11.16 18.05 4.47
N THR A 307 -9.85 17.84 4.43
CA THR A 307 -8.94 18.79 3.81
C THR A 307 -7.98 18.09 2.85
N ASP A 308 -7.76 18.70 1.68
CA ASP A 308 -6.71 18.28 0.77
C ASP A 308 -5.48 19.17 0.94
N ASP A 309 -4.35 18.71 0.42
CA ASP A 309 -3.11 19.47 0.53
C ASP A 309 -3.11 20.70 -0.36
N ALA A 310 -3.99 20.75 -1.34
CA ALA A 310 -4.14 21.90 -2.22
C ALA A 310 -5.58 21.92 -2.71
N GLY A 311 -5.90 22.92 -3.53
CA GLY A 311 -7.20 22.98 -4.18
C GLY A 311 -7.17 22.32 -5.55
N PHE A 312 -7.57 21.04 -5.60
CA PHE A 312 -7.39 20.26 -6.82
C PHE A 312 -8.52 20.41 -7.82
N GLY A 313 -9.65 20.98 -7.40
CA GLY A 313 -10.74 21.19 -8.33
C GLY A 313 -11.40 19.90 -8.75
N THR A 314 -11.87 19.87 -10.00
CA THR A 314 -12.53 18.70 -10.55
C THR A 314 -11.50 17.68 -10.96
N LEU A 315 -11.61 16.46 -10.42
CA LEU A 315 -10.71 15.38 -10.73
C LEU A 315 -11.49 14.20 -11.30
N THR A 316 -10.84 13.42 -12.14
CA THR A 316 -11.39 12.09 -12.38
C THR A 316 -11.11 11.20 -11.17
N VAL A 317 -11.76 10.04 -11.13
CA VAL A 317 -11.44 9.06 -10.10
C VAL A 317 -9.96 8.72 -10.14
N GLY A 318 -9.39 8.58 -11.34
CA GLY A 318 -7.95 8.37 -11.43
C GLY A 318 -7.17 9.53 -10.85
N GLY A 319 -7.64 10.76 -11.11
CA GLY A 319 -6.99 11.94 -10.54
C GLY A 319 -7.06 11.98 -9.03
N VAL A 320 -8.11 11.40 -8.44
CA VAL A 320 -8.20 11.33 -6.98
C VAL A 320 -7.04 10.52 -6.40
N ILE A 321 -6.66 9.44 -7.08
CA ILE A 321 -5.50 8.68 -6.67
C ILE A 321 -4.21 9.44 -6.96
N GLN A 322 -4.10 10.00 -8.17
CA GLN A 322 -2.92 10.77 -8.56
C GLN A 322 -2.58 11.87 -7.57
N LYS A 323 -3.59 12.62 -7.13
CA LYS A 323 -3.39 13.78 -6.26
C LYS A 323 -3.51 13.44 -4.77
N SER A 324 -3.83 12.20 -4.44
CA SER A 324 -3.96 11.74 -3.06
C SER A 324 -4.98 12.58 -2.30
N SER A 325 -6.13 12.82 -2.94
CA SER A 325 -7.15 13.71 -2.39
C SER A 325 -7.95 13.01 -1.30
N ASN A 326 -7.93 13.57 -0.08
CA ASN A 326 -8.83 13.10 0.98
C ASN A 326 -10.29 13.35 0.64
N ILE A 327 -10.58 14.53 0.09
CA ILE A 327 -11.95 14.87 -0.27
C ILE A 327 -12.47 13.95 -1.35
N GLY A 328 -11.64 13.68 -2.36
CA GLY A 328 -12.07 12.77 -3.42
C GLY A 328 -12.30 11.36 -2.89
N ALA A 329 -11.41 10.88 -2.02
CA ALA A 329 -11.63 9.57 -1.41
C ALA A 329 -12.93 9.54 -0.62
N THR A 330 -13.20 10.61 0.12
CA THR A 330 -14.43 10.68 0.92
C THR A 330 -15.66 10.64 0.04
N LYS A 331 -15.68 11.44 -1.03
CA LYS A 331 -16.89 11.49 -1.86
C LYS A 331 -17.12 10.16 -2.56
N ILE A 332 -16.05 9.49 -2.98
CA ILE A 332 -16.18 8.15 -3.55
C ILE A 332 -16.67 7.18 -2.49
N ALA A 333 -16.13 7.27 -1.27
CA ALA A 333 -16.59 6.38 -0.20
C ALA A 333 -18.07 6.57 0.10
N MET A 334 -18.60 7.78 -0.06
CA MET A 334 -20.00 8.02 0.25
C MET A 334 -20.96 7.38 -0.74
N THR A 335 -20.46 6.86 -1.87
CA THR A 335 -21.27 6.06 -2.78
C THR A 335 -21.44 4.64 -2.29
N MET A 336 -20.83 4.26 -1.17
CA MET A 336 -20.85 2.89 -0.69
C MET A 336 -21.38 2.84 0.73
N ARG A 337 -21.81 1.64 1.14
CA ARG A 337 -22.36 1.39 2.46
C ARG A 337 -21.25 0.91 3.40
N PRO A 338 -21.40 1.18 4.70
CA PRO A 338 -20.42 0.65 5.66
C PRO A 338 -20.20 -0.85 5.54
N GLU A 339 -21.27 -1.63 5.40
CA GLU A 339 -21.11 -3.07 5.28
C GLU A 339 -20.27 -3.44 4.05
N GLU A 340 -20.44 -2.70 2.95
CA GLU A 340 -19.66 -2.99 1.75
C GLU A 340 -18.18 -2.72 1.99
N MET A 341 -17.85 -1.59 2.60
CA MET A 341 -16.45 -1.27 2.83
C MET A 341 -15.84 -2.20 3.87
N TRP A 342 -16.58 -2.53 4.93
CA TRP A 342 -16.08 -3.46 5.94
C TRP A 342 -15.80 -4.83 5.33
N ASN A 343 -16.69 -5.33 4.47
CA ASN A 343 -16.41 -6.61 3.85
C ASN A 343 -15.17 -6.55 2.97
N MET A 344 -14.94 -5.41 2.31
CA MET A 344 -13.72 -5.27 1.52
C MET A 344 -12.49 -5.27 2.42
N TYR A 345 -12.54 -4.50 3.51
CA TYR A 345 -11.41 -4.49 4.44
C TYR A 345 -11.12 -5.87 4.98
N THR A 346 -12.18 -6.64 5.25
CA THR A 346 -11.98 -7.98 5.77
C THR A 346 -11.43 -8.91 4.69
N SER A 347 -11.85 -8.70 3.44
CA SER A 347 -11.36 -9.57 2.37
C SER A 347 -9.87 -9.37 2.13
N ILE A 348 -9.33 -8.17 2.37
CA ILE A 348 -7.89 -7.95 2.19
C ILE A 348 -7.17 -8.23 3.51
N GLY A 349 -7.85 -8.86 4.45
CA GLY A 349 -7.20 -9.39 5.64
C GLY A 349 -7.02 -8.43 6.79
N LEU A 350 -7.64 -7.24 6.75
CA LEU A 350 -7.48 -6.31 7.86
C LEU A 350 -8.31 -6.76 9.05
N GLY A 351 -7.84 -6.39 10.25
CA GLY A 351 -8.50 -6.79 11.48
C GLY A 351 -8.30 -8.24 11.87
N GLN A 352 -7.46 -8.97 11.14
CA GLN A 352 -7.25 -10.39 11.34
C GLN A 352 -5.75 -10.63 11.39
N ALA A 353 -5.30 -11.35 12.42
CA ALA A 353 -3.88 -11.56 12.56
C ALA A 353 -3.38 -12.52 11.49
N PRO A 354 -2.29 -12.20 10.80
CA PRO A 354 -1.70 -13.17 9.86
C PRO A 354 -1.36 -14.47 10.58
N LYS A 355 -1.62 -15.59 9.91
CA LYS A 355 -1.33 -16.92 10.42
C LYS A 355 -0.18 -17.49 9.60
N VAL A 356 1.03 -16.99 9.87
CA VAL A 356 2.21 -17.35 9.09
C VAL A 356 3.29 -17.99 9.95
N GLY A 357 2.98 -18.34 11.20
CA GLY A 357 3.91 -19.04 12.03
C GLY A 357 4.47 -18.21 13.17
N PHE A 358 4.83 -16.97 12.88
CA PHE A 358 5.36 -16.08 13.90
C PHE A 358 4.31 -15.86 14.98
N PRO A 359 4.67 -16.00 16.26
CA PRO A 359 3.69 -15.81 17.33
C PRO A 359 3.41 -14.34 17.54
N GLY A 360 2.20 -14.07 18.05
CA GLY A 360 1.85 -12.72 18.44
C GLY A 360 1.76 -11.73 17.29
N ALA A 361 1.45 -12.21 16.09
CA ALA A 361 1.20 -11.29 14.99
C ALA A 361 -0.04 -10.46 15.29
N ALA A 362 0.03 -9.16 14.98
CA ALA A 362 -1.04 -8.24 15.32
C ALA A 362 -2.22 -8.37 14.37
N ALA A 363 -3.43 -8.26 14.92
CA ALA A 363 -4.62 -8.24 14.09
C ALA A 363 -4.94 -6.84 13.56
N GLY A 364 -4.48 -5.80 14.24
CA GLY A 364 -4.93 -4.46 13.94
C GLY A 364 -6.33 -4.23 14.49
N ARG A 365 -6.86 -3.05 14.19
CA ARG A 365 -8.14 -2.62 14.73
C ARG A 365 -9.05 -2.23 13.56
N LEU A 366 -10.19 -2.92 13.47
CA LEU A 366 -11.23 -2.61 12.49
C LEU A 366 -12.55 -2.57 13.25
N ARG A 367 -13.17 -1.41 13.28
CA ARG A 367 -14.39 -1.30 14.05
C ARG A 367 -15.58 -1.93 13.31
N PRO A 368 -16.51 -2.53 14.05
CA PRO A 368 -17.65 -3.19 13.40
C PRO A 368 -18.49 -2.21 12.62
N TRP A 369 -18.92 -2.64 11.42
CA TRP A 369 -19.52 -1.69 10.48
C TRP A 369 -20.86 -1.16 10.98
N LYS A 370 -21.59 -1.92 11.80
CA LYS A 370 -22.84 -1.39 12.33
C LYS A 370 -22.62 -0.17 13.21
N SER A 371 -21.39 0.04 13.67
CA SER A 371 -21.08 1.13 14.59
C SER A 371 -20.47 2.36 13.90
N TRP A 372 -20.22 2.31 12.59
CA TRP A 372 -19.56 3.42 11.92
C TRP A 372 -20.46 4.65 11.86
N ARG A 373 -19.94 5.78 12.33
CA ARG A 373 -20.55 7.05 11.97
C ARG A 373 -20.14 7.41 10.55
N ARG A 374 -20.94 8.26 9.90
CA ARG A 374 -20.63 8.63 8.52
C ARG A 374 -19.26 9.27 8.42
N ILE A 375 -18.89 10.10 9.39
CA ILE A 375 -17.57 10.71 9.39
C ILE A 375 -16.48 9.66 9.57
N GLU A 376 -16.79 8.57 10.27
CA GLU A 376 -15.79 7.51 10.46
C GLU A 376 -15.59 6.71 9.17
N GLN A 377 -16.68 6.44 8.43
CA GLN A 377 -16.54 5.88 7.10
C GLN A 377 -15.66 6.77 6.22
N ALA A 378 -15.84 8.08 6.34
CA ALA A 378 -15.03 9.02 5.55
C ALA A 378 -13.55 8.91 5.91
N THR A 379 -13.21 9.02 7.20
CA THR A 379 -11.79 9.00 7.56
C THR A 379 -11.15 7.67 7.18
N MET A 380 -11.89 6.56 7.31
CA MET A 380 -11.32 5.28 6.92
C MET A 380 -11.03 5.24 5.42
N SER A 381 -11.83 5.96 4.62
CA SER A 381 -11.62 5.98 3.18
C SER A 381 -10.26 6.59 2.81
N TYR A 382 -9.71 7.43 3.69
CA TYR A 382 -8.36 7.91 3.51
C TYR A 382 -7.42 7.44 4.61
N GLY A 383 -7.78 6.34 5.27
CA GLY A 383 -6.81 5.57 6.05
C GLY A 383 -6.68 5.88 7.51
N TYR A 384 -7.62 6.61 8.10
CA TYR A 384 -7.55 6.89 9.53
C TYR A 384 -8.80 6.36 10.22
N GLY A 385 -8.63 5.96 11.48
CA GLY A 385 -9.70 5.29 12.19
C GLY A 385 -9.68 3.78 12.10
N LEU A 386 -8.64 3.21 11.50
CA LEU A 386 -8.35 1.78 11.55
C LEU A 386 -6.84 1.65 11.67
N SER A 387 -6.39 0.49 12.15
CA SER A 387 -4.95 0.26 12.27
C SER A 387 -4.58 -1.06 11.62
N VAL A 388 -3.36 -1.10 11.07
CA VAL A 388 -2.85 -2.21 10.28
C VAL A 388 -1.38 -2.39 10.61
N SER A 389 -0.84 -3.57 10.28
CA SER A 389 0.60 -3.79 10.29
C SER A 389 1.13 -3.62 8.87
N LEU A 390 2.45 -3.43 8.76
CA LEU A 390 3.03 -3.35 7.42
C LEU A 390 2.86 -4.66 6.67
N PHE A 391 2.97 -5.79 7.38
CA PHE A 391 2.71 -7.09 6.76
C PHE A 391 1.33 -7.13 6.13
N GLN A 392 0.31 -6.67 6.88
CA GLN A 392 -1.04 -6.68 6.35
C GLN A 392 -1.16 -5.82 5.08
N LEU A 393 -0.48 -4.67 5.06
CA LEU A 393 -0.55 -3.82 3.87
C LEU A 393 0.14 -4.46 2.68
N ALA A 394 1.31 -5.07 2.90
CA ALA A 394 2.00 -5.75 1.80
C ALA A 394 1.11 -6.83 1.21
N ARG A 395 0.47 -7.65 2.07
CA ARG A 395 -0.42 -8.69 1.58
CA ARG A 395 -0.42 -8.69 1.58
C ARG A 395 -1.61 -8.09 0.84
N ALA A 396 -2.22 -7.05 1.41
CA ALA A 396 -3.36 -6.41 0.74
C ALA A 396 -3.00 -5.93 -0.65
N TYR A 397 -1.81 -5.36 -0.83
CA TYR A 397 -1.45 -4.84 -2.16
C TYR A 397 -1.24 -5.96 -3.18
N THR A 398 -1.02 -7.21 -2.73
CA THR A 398 -0.96 -8.28 -3.71
C THR A 398 -2.29 -8.46 -4.41
N ALA A 399 -3.40 -8.07 -3.79
CA ALA A 399 -4.70 -8.17 -4.46
C ALA A 399 -4.74 -7.26 -5.67
N ILE A 400 -4.14 -6.08 -5.57
CA ILE A 400 -4.11 -5.18 -6.72
C ILE A 400 -3.11 -5.66 -7.74
N ALA A 401 -1.99 -6.23 -7.28
CA ALA A 401 -0.95 -6.69 -8.18
C ALA A 401 -1.35 -7.92 -8.96
N HIS A 402 -2.00 -8.88 -8.31
CA HIS A 402 -2.31 -10.20 -8.87
C HIS A 402 -3.73 -10.25 -9.40
N ASP A 403 -4.09 -9.29 -10.25
CA ASP A 403 -5.35 -9.32 -11.00
C ASP A 403 -6.57 -9.48 -10.09
N GLY A 404 -6.53 -8.86 -8.91
CA GLY A 404 -7.66 -8.86 -8.03
C GLY A 404 -7.67 -9.95 -6.99
N GLU A 405 -6.75 -10.91 -7.07
CA GLU A 405 -6.74 -12.08 -6.19
C GLU A 405 -5.62 -11.90 -5.17
N MET A 406 -5.99 -11.76 -3.89
CA MET A 406 -4.99 -11.63 -2.84
C MET A 406 -4.36 -12.99 -2.54
N MET A 407 -3.05 -13.03 -2.52
CA MET A 407 -2.29 -14.25 -2.36
C MET A 407 -2.03 -14.54 -0.89
N PRO A 408 -2.03 -15.81 -0.49
CA PRO A 408 -1.58 -16.14 0.86
C PRO A 408 -0.10 -15.84 0.94
N VAL A 409 0.28 -14.99 1.88
CA VAL A 409 1.68 -14.58 2.02
C VAL A 409 2.35 -15.49 3.03
N THR A 410 3.43 -16.14 2.59
CA THR A 410 4.08 -17.23 3.31
C THR A 410 5.57 -17.01 3.30
N ILE A 411 6.25 -17.45 4.36
CA ILE A 411 7.72 -17.40 4.38
C ILE A 411 8.32 -18.74 3.95
N PHE A 412 7.51 -19.67 3.47
CA PHE A 412 8.01 -20.94 3.00
C PHE A 412 7.87 -21.06 1.49
N LYS A 413 8.83 -21.74 0.88
CA LYS A 413 8.78 -22.00 -0.55
C LYS A 413 7.50 -22.77 -0.88
N THR A 414 6.86 -22.39 -1.97
CA THR A 414 5.64 -23.05 -2.42
C THR A 414 5.98 -24.19 -3.38
N ASP A 415 5.07 -25.17 -3.44
CA ASP A 415 5.21 -26.32 -4.34
C ASP A 415 4.76 -25.91 -5.74
N PRO A 416 5.66 -25.87 -6.72
CA PRO A 416 5.25 -25.45 -8.08
C PRO A 416 4.20 -26.34 -8.71
N ASN A 417 4.03 -27.56 -8.20
CA ASN A 417 3.07 -28.50 -8.78
C ASN A 417 1.69 -28.43 -8.14
N GLN A 418 1.55 -27.79 -6.97
CA GLN A 418 0.29 -27.70 -6.26
C GLN A 418 -0.32 -26.32 -6.44
N GLN A 419 -1.65 -26.25 -6.30
CA GLN A 419 -2.41 -25.05 -6.61
C GLN A 419 -2.45 -24.11 -5.41
N ILE A 420 -2.22 -22.83 -5.67
CA ILE A 420 -2.29 -21.78 -4.66
C ILE A 420 -3.68 -21.16 -4.73
N THR A 421 -4.48 -21.37 -3.69
CA THR A 421 -5.80 -20.74 -3.62
C THR A 421 -5.67 -19.39 -2.94
N GLY A 422 -5.95 -18.32 -3.68
CA GLY A 422 -6.03 -17.00 -3.12
C GLY A 422 -7.48 -16.63 -2.80
N THR A 423 -7.67 -15.35 -2.51
CA THR A 423 -8.97 -14.79 -2.21
C THR A 423 -9.29 -13.73 -3.26
N GLN A 424 -10.38 -13.90 -3.99
CA GLN A 424 -10.74 -12.91 -4.99
C GLN A 424 -11.32 -11.68 -4.29
N VAL A 425 -10.59 -10.59 -4.33
CA VAL A 425 -10.98 -9.35 -3.67
C VAL A 425 -11.66 -8.39 -4.63
N PHE A 426 -11.10 -8.24 -5.83
CA PHE A 426 -11.64 -7.40 -6.89
C PHE A 426 -11.59 -8.20 -8.20
N THR A 427 -12.32 -7.73 -9.22
CA THR A 427 -12.17 -8.35 -10.53
C THR A 427 -10.84 -7.95 -11.16
N PRO A 428 -10.37 -8.72 -12.13
CA PRO A 428 -9.13 -8.32 -12.83
C PRO A 428 -9.24 -6.96 -13.48
N THR A 429 -10.42 -6.61 -14.01
CA THR A 429 -10.59 -5.31 -14.64
C THR A 429 -10.34 -4.18 -13.64
N THR A 430 -10.95 -4.29 -12.46
CA THR A 430 -10.71 -3.29 -11.42
C THR A 430 -9.23 -3.21 -11.08
N ALA A 431 -8.59 -4.36 -10.87
CA ALA A 431 -7.18 -4.35 -10.46
C ALA A 431 -6.31 -3.68 -11.51
N ARG A 432 -6.59 -3.97 -12.79
CA ARG A 432 -5.81 -3.36 -13.87
C ARG A 432 -6.02 -1.85 -13.91
N GLU A 433 -7.27 -1.41 -13.74
CA GLU A 433 -7.57 0.03 -13.72
C GLU A 433 -6.81 0.73 -12.60
N VAL A 434 -6.76 0.10 -11.42
CA VAL A 434 -6.09 0.75 -10.29
C VAL A 434 -4.57 0.71 -10.47
N ARG A 435 -4.02 -0.34 -11.07
CA ARG A 435 -2.58 -0.35 -11.32
C ARG A 435 -2.19 0.81 -12.22
N THR A 436 -3.02 1.10 -13.24
CA THR A 436 -2.78 2.26 -14.09
C THR A 436 -2.77 3.54 -13.26
N MET A 437 -3.72 3.67 -12.33
CA MET A 437 -3.75 4.85 -11.47
C MET A 437 -2.53 4.92 -10.56
N LEU A 438 -2.07 3.77 -10.06
CA LEU A 438 -0.90 3.79 -9.17
C LEU A 438 0.35 4.29 -9.88
N GLU A 439 0.48 4.02 -11.19
CA GLU A 439 1.62 4.56 -11.93
C GLU A 439 1.62 6.08 -11.93
N THR A 440 0.43 6.71 -11.95
CA THR A 440 0.41 8.17 -12.02
C THR A 440 0.92 8.81 -10.74
N VAL A 441 0.96 8.05 -9.64
CA VAL A 441 1.40 8.57 -8.35
C VAL A 441 2.86 9.00 -8.40
N VAL A 442 3.69 8.26 -9.15
CA VAL A 442 5.12 8.51 -9.18
C VAL A 442 5.56 9.27 -10.42
N ALA A 443 4.67 9.49 -11.38
CA ALA A 443 4.92 10.27 -12.59
C ALA A 443 4.70 11.74 -12.32
N PRO A 444 5.21 12.63 -13.18
CA PRO A 444 4.90 14.06 -13.03
C PRO A 444 3.39 14.27 -12.91
N GLY A 445 3.00 15.15 -12.00
CA GLY A 445 1.61 15.36 -11.66
C GLY A 445 1.14 14.56 -10.47
N GLY A 446 1.86 13.49 -10.11
CA GLY A 446 1.54 12.72 -8.92
C GLY A 446 2.28 13.25 -7.71
N THR A 447 1.95 12.69 -6.54
CA THR A 447 2.45 13.26 -5.30
C THR A 447 3.69 12.58 -4.75
N SER A 448 4.15 11.48 -5.37
CA SER A 448 5.29 10.72 -4.85
C SER A 448 6.32 10.47 -5.94
N PRO A 449 6.87 11.53 -6.55
CA PRO A 449 7.86 11.31 -7.61
C PRO A 449 9.15 10.69 -7.11
N ASP A 450 9.45 10.80 -5.83
CA ASP A 450 10.66 10.21 -5.26
C ASP A 450 10.57 8.69 -5.18
N ALA A 451 9.41 8.10 -5.45
CA ALA A 451 9.27 6.65 -5.49
C ALA A 451 9.42 6.09 -6.90
N ALA A 452 9.59 6.95 -7.90
CA ALA A 452 9.86 6.48 -9.24
C ALA A 452 11.15 5.66 -9.27
N VAL A 453 11.19 4.70 -10.20
CA VAL A 453 12.33 3.80 -10.38
C VAL A 453 12.86 3.98 -11.80
N PRO A 454 14.02 4.60 -11.98
CA PRO A 454 14.55 4.79 -13.34
C PRO A 454 14.62 3.48 -14.10
N GLY A 455 14.01 3.47 -15.30
CA GLY A 455 14.03 2.31 -16.16
C GLY A 455 12.83 1.38 -16.04
N TYR A 456 11.98 1.56 -15.03
CA TYR A 456 10.89 0.62 -14.80
C TYR A 456 9.59 1.36 -14.52
N ARG A 457 8.51 0.92 -15.15
CA ARG A 457 7.19 1.36 -14.72
C ARG A 457 6.85 0.75 -13.38
N VAL A 458 6.52 1.60 -12.40
CA VAL A 458 6.14 1.16 -11.06
C VAL A 458 4.95 1.98 -10.60
N GLY A 459 4.35 1.55 -9.50
CA GLY A 459 3.30 2.35 -8.89
C GLY A 459 3.12 1.94 -7.45
N GLY A 460 2.53 2.85 -6.67
CA GLY A 460 2.32 2.58 -5.26
C GLY A 460 1.78 3.83 -4.57
N LYS A 461 1.74 3.75 -3.24
CA LYS A 461 1.21 4.85 -2.44
C LYS A 461 2.03 5.06 -1.18
N SER A 462 2.23 6.33 -0.84
CA SER A 462 2.79 6.72 0.44
CA SER A 462 2.80 6.74 0.43
C SER A 462 1.70 6.94 1.46
N GLY A 463 2.07 6.82 2.73
CA GLY A 463 1.15 7.12 3.82
C GLY A 463 1.95 7.58 5.02
N THR A 464 1.34 8.41 5.85
CA THR A 464 1.99 8.91 7.06
C THR A 464 1.09 8.70 8.26
N ALA A 465 1.67 8.23 9.36
CA ALA A 465 0.95 8.07 10.61
C ALA A 465 1.65 8.90 11.68
N TYR A 466 0.89 9.76 12.36
CA TYR A 466 1.47 10.61 13.38
C TYR A 466 1.31 9.97 14.75
N LYS A 467 2.26 10.24 15.64
CA LYS A 467 2.27 9.65 16.97
C LYS A 467 1.50 10.51 17.96
N ARG A 475 6.23 16.19 16.16
CA ARG A 475 7.22 15.96 15.11
C ARG A 475 7.49 14.48 14.87
N LYS A 476 6.87 13.62 15.67
CA LYS A 476 7.06 12.18 15.55
C LYS A 476 6.01 11.58 14.62
N TYR A 477 6.47 10.85 13.61
CA TYR A 477 5.56 10.21 12.67
C TYR A 477 6.25 9.01 12.05
N ARG A 478 5.48 8.25 11.27
CA ARG A 478 5.98 7.09 10.57
C ARG A 478 5.66 7.26 9.08
N ALA A 479 6.69 7.11 8.25
CA ALA A 479 6.55 7.28 6.80
C ALA A 479 6.59 5.91 6.15
N SER A 480 5.50 5.52 5.50
CA SER A 480 5.42 4.22 4.86
C SER A 480 5.11 4.37 3.38
N PHE A 481 5.49 3.34 2.60
CA PHE A 481 5.15 3.28 1.19
C PHE A 481 4.95 1.83 0.79
N VAL A 482 3.89 1.55 0.01
CA VAL A 482 3.69 0.21 -0.53
C VAL A 482 3.46 0.32 -2.04
N GLY A 483 4.16 -0.49 -2.80
CA GLY A 483 4.04 -0.42 -4.24
C GLY A 483 4.39 -1.75 -4.90
N MET A 484 4.45 -1.73 -6.23
CA MET A 484 4.64 -2.98 -6.98
C MET A 484 5.38 -2.65 -8.27
N ALA A 485 6.03 -3.67 -8.84
CA ALA A 485 6.91 -3.46 -9.99
C ALA A 485 7.10 -4.77 -10.71
N PRO A 486 7.22 -4.76 -12.05
CA PRO A 486 7.06 -3.63 -12.95
C PRO A 486 5.63 -3.60 -13.44
N MET A 487 5.12 -2.44 -13.75
CA MET A 487 3.81 -2.39 -14.38
C MET A 487 3.95 -2.70 -15.86
N PRO A 488 2.89 -3.20 -16.50
CA PRO A 488 1.54 -3.40 -15.94
C PRO A 488 1.32 -4.75 -15.26
N ASN A 489 2.29 -5.65 -15.33
CA ASN A 489 2.15 -7.00 -14.77
C ASN A 489 3.22 -7.20 -13.71
N PRO A 490 2.97 -6.77 -12.48
CA PRO A 490 4.05 -6.74 -11.49
C PRO A 490 4.51 -8.13 -11.07
N ARG A 491 5.79 -8.19 -10.74
CA ARG A 491 6.44 -9.37 -10.21
C ARG A 491 6.56 -9.34 -8.70
N ILE A 492 6.74 -8.15 -8.11
CA ILE A 492 6.93 -8.03 -6.68
C ILE A 492 6.04 -6.93 -6.12
N VAL A 493 5.70 -7.09 -4.85
CA VAL A 493 5.19 -6.01 -4.01
C VAL A 493 6.29 -5.66 -3.03
N VAL A 494 6.55 -4.36 -2.87
CA VAL A 494 7.55 -3.87 -1.93
C VAL A 494 6.88 -2.95 -0.94
N ALA A 495 7.09 -3.21 0.35
CA ALA A 495 6.50 -2.42 1.42
C ALA A 495 7.62 -1.94 2.33
N VAL A 496 7.65 -0.63 2.61
CA VAL A 496 8.69 -0.05 3.45
C VAL A 496 8.06 0.85 4.49
N SER A 497 8.72 0.96 5.63
CA SER A 497 8.28 1.91 6.65
C SER A 497 9.50 2.42 7.40
N VAL A 498 9.56 3.73 7.61
CA VAL A 498 10.63 4.37 8.36
C VAL A 498 9.97 5.06 9.54
N ASP A 499 10.30 4.62 10.76
CA ASP A 499 9.62 5.07 11.96
C ASP A 499 10.41 6.21 12.59
N GLU A 500 9.75 7.35 12.77
CA GLU A 500 10.31 8.53 13.42
C GLU A 500 11.63 9.00 12.80
N PRO A 501 11.63 9.36 11.51
CA PRO A 501 12.81 10.01 10.94
C PRO A 501 12.98 11.40 11.54
N THR A 502 14.24 11.83 11.61
CA THR A 502 14.55 13.16 12.15
C THR A 502 15.54 13.89 11.25
N PHE A 507 10.12 14.99 3.95
CA PHE A 507 8.98 14.51 4.75
C PHE A 507 8.22 13.40 4.04
N GLY A 508 7.77 12.42 4.82
CA GLY A 508 6.85 11.39 4.35
C GLY A 508 7.30 10.66 3.11
N GLY A 509 6.60 10.87 2.00
CA GLY A 509 6.97 10.23 0.75
C GLY A 509 8.40 10.48 0.33
N GLN A 510 8.97 11.62 0.76
CA GLN A 510 10.37 11.91 0.51
C GLN A 510 11.31 11.04 1.35
N VAL A 511 10.79 10.42 2.40
CA VAL A 511 11.55 9.49 3.24
C VAL A 511 11.30 8.05 2.81
N SER A 512 10.03 7.65 2.69
CA SER A 512 9.69 6.27 2.36
C SER A 512 9.89 5.97 0.88
N GLY A 513 9.57 6.92 0.01
CA GLY A 513 9.59 6.69 -1.42
C GLY A 513 10.93 6.23 -1.96
N PRO A 514 12.01 6.92 -1.62
CA PRO A 514 13.33 6.50 -2.12
C PRO A 514 13.75 5.13 -1.64
N VAL A 515 13.28 4.69 -0.47
CA VAL A 515 13.58 3.33 -0.01
C VAL A 515 12.85 2.32 -0.87
N PHE A 516 11.55 2.55 -1.09
CA PHE A 516 10.81 1.71 -2.04
C PHE A 516 11.52 1.65 -3.38
N SER A 517 11.90 2.83 -3.89
CA SER A 517 12.49 2.90 -5.23
C SER A 517 13.78 2.09 -5.30
N ALA A 518 14.64 2.27 -4.29
CA ALA A 518 15.92 1.56 -4.29
C ALA A 518 15.72 0.06 -4.21
N ILE A 519 14.83 -0.40 -3.32
CA ILE A 519 14.64 -1.83 -3.17
C ILE A 519 13.99 -2.41 -4.42
N ALA A 520 12.95 -1.75 -4.94
CA ALA A 520 12.27 -2.25 -6.13
C ALA A 520 13.22 -2.30 -7.32
N GLY A 521 13.95 -1.22 -7.57
CA GLY A 521 14.87 -1.20 -8.70
C GLY A 521 15.99 -2.20 -8.56
N ASP A 522 16.60 -2.27 -7.36
CA ASP A 522 17.68 -3.22 -7.15
C ASP A 522 17.19 -4.64 -7.33
N THR A 523 15.96 -4.93 -6.89
CA THR A 523 15.41 -6.27 -7.04
C THR A 523 15.12 -6.59 -8.50
N MET A 524 14.50 -5.65 -9.23
CA MET A 524 14.34 -5.85 -10.68
C MET A 524 15.65 -6.21 -11.35
N ARG A 525 16.70 -5.43 -11.08
CA ARG A 525 17.98 -5.68 -11.73
C ARG A 525 18.52 -7.06 -11.33
N ALA A 526 18.40 -7.43 -10.05
CA ALA A 526 18.97 -8.69 -9.60
C ALA A 526 18.23 -9.88 -10.23
N LEU A 527 16.96 -9.70 -10.55
CA LEU A 527 16.13 -10.74 -11.16
C LEU A 527 16.14 -10.70 -12.69
N ASN A 528 16.99 -9.84 -13.28
CA ASN A 528 17.10 -9.73 -14.74
C ASN A 528 15.80 -9.29 -15.39
N VAL A 529 14.98 -8.54 -14.67
CA VAL A 529 13.78 -7.99 -15.30
C VAL A 529 14.19 -6.93 -16.31
N PRO A 530 13.78 -7.03 -17.57
CA PRO A 530 14.20 -6.02 -18.55
C PRO A 530 13.57 -4.68 -18.22
N PRO A 531 14.34 -3.60 -18.30
CA PRO A 531 13.75 -2.28 -18.19
C PRO A 531 12.62 -2.10 -19.19
N ASN A 532 11.58 -1.40 -18.78
CA ASN A 532 10.45 -1.18 -19.68
C ASN A 532 10.01 0.28 -19.70
N MET A 533 10.90 1.20 -19.32
CA MET A 533 10.62 2.62 -19.38
C MET A 533 11.92 3.32 -19.75
N PRO A 534 11.89 4.26 -20.69
CA PRO A 534 13.12 4.98 -21.04
C PRO A 534 13.59 5.85 -19.88
N ILE A 535 14.88 6.15 -19.90
CA ILE A 535 15.48 7.06 -18.93
C ILE A 535 15.39 8.49 -19.41
#